data_8R2C
#
_entry.id   8R2C
#
_cell.length_a   35.890
_cell.length_b   46.360
_cell.length_c   115.010
_cell.angle_alpha   90.000
_cell.angle_beta   90.000
_cell.angle_gamma   90.000
#
_symmetry.space_group_name_H-M   'P 21 21 21'
#
loop_
_entity.id
_entity.type
_entity.pdbx_description
1 polymer 'von willebrand factor type A (VWA) domain was originally protein'
2 non-polymer 'SULFATE ION'
3 non-polymer DI(HYDROXYETHYL)ETHER
4 water water
#
_entity_poly.entity_id   1
_entity_poly.type   'polypeptide(L)'
_entity_poly.pdbx_seq_one_letter_code
;SGGAMHGDSLVQLSDSSFKMVKEVKKGDKVICPLLENQCVEVECVVLSKCEDGTKEFVQLGTDLWITPKHPIRVNGEWKY
PKELGQTVVKTSDYIYQFVLKTGHTMNIGGYECICLGHNFQERVAYHPYLGSQAVVEDLKQMKGWKEGKVIIRSRVRDQI
TNQVKAFIQ
;
_entity_poly.pdbx_strand_id   A
#
# COMPACT_ATOMS: atom_id res chain seq x y z
N SER A 1 3.30 5.22 -10.03
CA SER A 1 4.18 5.25 -8.84
C SER A 1 3.70 4.22 -7.81
N GLY A 2 4.41 4.17 -6.68
CA GLY A 2 4.07 3.27 -5.60
C GLY A 2 4.23 3.97 -4.26
N GLY A 3 3.94 3.24 -3.20
CA GLY A 3 4.14 3.80 -1.88
C GLY A 3 3.76 2.79 -0.82
N ALA A 4 3.69 3.28 0.42
CA ALA A 4 3.36 2.44 1.56
C ALA A 4 2.64 3.29 2.60
N MET A 5 2.05 2.62 3.58
CA MET A 5 1.21 3.22 4.60
C MET A 5 1.90 3.17 5.96
N HIS A 6 1.65 4.18 6.76
CA HIS A 6 1.98 4.12 8.18
C HIS A 6 1.08 3.11 8.89
N GLY A 7 1.64 2.35 9.82
CA GLY A 7 0.92 1.26 10.46
C GLY A 7 -0.24 1.70 11.33
N ASP A 8 -0.27 2.97 11.74
CA ASP A 8 -1.35 3.46 12.56
C ASP A 8 -2.55 3.93 11.75
N SER A 9 -2.43 3.98 10.42
CA SER A 9 -3.57 4.33 9.59
C SER A 9 -4.72 3.34 9.79
N LEU A 10 -5.95 3.83 9.68
CA LEU A 10 -7.10 3.02 10.02
C LEU A 10 -7.83 2.49 8.77
N VAL A 11 -7.87 1.19 8.66
CA VAL A 11 -8.50 0.51 7.55
C VAL A 11 -9.98 0.31 7.89
N GLN A 12 -10.86 0.77 6.98
CA GLN A 12 -12.30 0.56 7.10
C GLN A 12 -12.67 -0.91 6.93
N LEU A 13 -13.42 -1.46 7.90
CA LEU A 13 -13.99 -2.80 7.77
C LEU A 13 -15.50 -2.79 7.50
N SER A 14 -16.02 -3.95 7.06
CA SER A 14 -17.40 -4.00 6.58
C SER A 14 -18.41 -3.79 7.70
N ASP A 15 -18.01 -4.03 8.96
CA ASP A 15 -18.91 -3.85 10.09
C ASP A 15 -18.91 -2.41 10.62
N SER A 16 -18.14 -1.53 9.98
CA SER A 16 -17.99 -0.11 10.24
C SER A 16 -16.91 0.12 11.29
N SER A 17 -16.30 -0.92 11.85
CA SER A 17 -15.16 -0.67 12.73
C SER A 17 -13.91 -0.48 11.88
N PHE A 18 -12.81 -0.19 12.54
CA PHE A 18 -11.56 0.07 11.85
C PHE A 18 -10.47 -0.77 12.47
N LYS A 19 -9.49 -1.09 11.65
CA LYS A 19 -8.33 -1.83 12.09
C LYS A 19 -7.10 -1.05 11.67
N MET A 20 -6.10 -0.99 12.54
CA MET A 20 -4.89 -0.29 12.11
C MET A 20 -4.20 -1.10 11.03
N VAL A 21 -3.50 -0.40 10.13
CA VAL A 21 -2.75 -1.07 9.08
C VAL A 21 -1.81 -2.13 9.64
N LYS A 22 -1.12 -1.82 10.75
CA LYS A 22 -0.16 -2.79 11.29
C LYS A 22 -0.81 -4.03 11.90
N GLU A 23 -2.12 -4.08 11.99
CA GLU A 23 -2.81 -5.26 12.52
C GLU A 23 -3.48 -6.08 11.44
N VAL A 24 -3.53 -5.58 10.22
CA VAL A 24 -4.18 -6.32 9.15
C VAL A 24 -3.41 -7.60 8.90
N LYS A 25 -4.13 -8.69 8.67
CA LYS A 25 -3.47 -9.94 8.33
C LYS A 25 -4.16 -10.58 7.14
N LYS A 26 -3.41 -11.52 6.54
CA LYS A 26 -3.94 -12.38 5.50
C LYS A 26 -5.25 -13.01 5.94
N GLY A 27 -6.19 -13.05 5.01
CA GLY A 27 -7.54 -13.50 5.27
C GLY A 27 -8.50 -12.41 5.75
N ASP A 28 -7.99 -11.26 6.20
CA ASP A 28 -8.88 -10.15 6.49
C ASP A 28 -9.56 -9.67 5.22
N LYS A 29 -10.74 -9.12 5.39
CA LYS A 29 -11.48 -8.53 4.27
C LYS A 29 -11.48 -7.02 4.44
N VAL A 30 -11.11 -6.33 3.37
CA VAL A 30 -11.03 -4.88 3.34
C VAL A 30 -12.00 -4.43 2.25
N ILE A 31 -12.27 -3.12 2.21
CA ILE A 31 -13.26 -2.54 1.30
C ILE A 31 -12.56 -2.00 0.07
N CYS A 32 -13.02 -2.41 -1.12
CA CYS A 32 -12.44 -1.98 -2.39
C CYS A 32 -13.41 -1.05 -3.07
N PRO A 33 -13.24 0.28 -2.96
CA PRO A 33 -14.26 1.20 -3.47
C PRO A 33 -14.51 1.08 -4.94
N LEU A 34 -13.49 0.74 -5.71
CA LEU A 34 -13.62 0.60 -7.14
C LEU A 34 -14.49 -0.60 -7.52
N LEU A 35 -14.58 -1.59 -6.67
CA LEU A 35 -15.55 -2.66 -6.83
C LEU A 35 -16.85 -2.36 -6.09
N GLU A 36 -17.32 -1.13 -6.10
CA GLU A 36 -18.57 -0.79 -5.45
C GLU A 36 -18.53 -1.10 -3.95
N ASN A 37 -17.41 -0.82 -3.33
CA ASN A 37 -17.22 -1.05 -1.90
C ASN A 37 -17.40 -2.51 -1.51
N GLN A 38 -17.20 -3.44 -2.43
CA GLN A 38 -17.22 -4.86 -2.08
C GLN A 38 -16.00 -5.21 -1.22
N CYS A 39 -16.15 -6.28 -0.43
CA CYS A 39 -15.08 -6.80 0.41
C CYS A 39 -14.17 -7.69 -0.40
N VAL A 40 -12.86 -7.53 -0.18
CA VAL A 40 -11.85 -8.38 -0.84
C VAL A 40 -10.86 -8.86 0.21
N GLU A 41 -10.29 -10.04 0.00
CA GLU A 41 -9.42 -10.65 0.98
C GLU A 41 -7.97 -10.23 0.83
N VAL A 42 -7.32 -10.04 1.96
CA VAL A 42 -5.89 -9.76 1.97
C VAL A 42 -5.15 -11.07 1.75
N GLU A 43 -4.26 -11.09 0.75
CA GLU A 43 -3.45 -12.27 0.46
C GLU A 43 -2.10 -12.22 1.20
N CYS A 44 -1.51 -11.04 1.29
CA CYS A 44 -0.19 -10.90 1.90
C CYS A 44 -0.02 -9.45 2.34
N VAL A 45 0.60 -9.28 3.50
CA VAL A 45 0.98 -7.98 4.02
C VAL A 45 2.48 -7.85 3.81
N VAL A 46 2.94 -6.72 3.29
CA VAL A 46 4.35 -6.54 3.00
C VAL A 46 4.90 -5.42 3.86
N LEU A 47 5.97 -5.70 4.60
CA LEU A 47 6.59 -4.74 5.51
C LEU A 47 8.00 -4.39 5.02
N SER A 48 8.34 -3.12 5.16
CA SER A 48 9.64 -2.60 4.82
C SER A 48 10.10 -1.81 6.03
N LYS A 49 11.32 -2.06 6.49
CA LYS A 49 11.83 -1.36 7.67
C LYS A 49 12.16 0.08 7.33
N CYS A 50 11.87 0.97 8.28
CA CYS A 50 12.21 2.37 8.21
C CYS A 50 13.57 2.53 8.87
N GLU A 51 14.58 2.62 8.01
CA GLU A 51 15.98 2.67 8.42
C GLU A 51 16.23 3.71 9.50
N ASP A 52 15.76 4.94 9.31
CA ASP A 52 16.02 6.00 10.29
C ASP A 52 14.95 6.07 11.37
N GLY A 53 13.97 5.16 11.34
CA GLY A 53 12.94 5.12 12.35
C GLY A 53 11.87 6.18 12.20
N THR A 54 12.05 7.08 11.23
CA THR A 54 11.06 8.07 10.85
C THR A 54 10.92 8.07 9.32
N LYS A 55 9.79 8.58 8.85
CA LYS A 55 9.58 8.72 7.42
C LYS A 55 8.69 9.93 7.18
N GLU A 56 8.85 10.53 6.01
CA GLU A 56 7.93 11.57 5.57
C GLU A 56 6.68 10.94 5.00
N PHE A 57 5.54 11.40 5.51
CA PHE A 57 4.23 10.95 5.09
C PHE A 57 3.42 12.17 4.71
N VAL A 58 2.38 11.93 3.97
CA VAL A 58 1.29 12.88 3.82
C VAL A 58 0.17 12.41 4.69
N GLN A 59 -0.42 13.32 5.43
CA GLN A 59 -1.57 13.04 6.27
C GLN A 59 -2.83 13.40 5.51
N LEU A 60 -3.74 12.46 5.42
CA LEU A 60 -5.00 12.70 4.73
C LEU A 60 -6.09 12.42 5.76
N GLY A 61 -6.89 13.44 6.06
CA GLY A 61 -7.83 13.36 7.14
C GLY A 61 -7.14 13.06 8.45
N THR A 62 -7.86 12.42 9.35
CA THR A 62 -7.33 12.15 10.67
C THR A 62 -6.69 10.79 10.79
N ASP A 63 -6.93 9.90 9.81
CA ASP A 63 -6.69 8.47 10.02
C ASP A 63 -5.77 7.84 8.97
N LEU A 64 -5.01 8.64 8.21
CA LEU A 64 -4.19 8.08 7.12
C LEU A 64 -2.92 8.89 7.00
N TRP A 65 -1.80 8.20 7.14
CA TRP A 65 -0.49 8.73 6.82
C TRP A 65 0.11 7.82 5.76
N ILE A 66 0.43 8.39 4.62
CA ILE A 66 0.75 7.64 3.41
C ILE A 66 1.93 8.29 2.71
N THR A 67 2.79 7.48 2.11
CA THR A 67 3.99 8.08 1.53
C THR A 67 3.58 8.96 0.34
N PRO A 68 4.38 9.96 0.02
CA PRO A 68 3.83 11.08 -0.76
C PRO A 68 3.50 10.75 -2.20
N LYS A 69 3.93 9.62 -2.76
CA LYS A 69 3.57 9.26 -4.13
C LYS A 69 2.61 8.08 -4.22
N HIS A 70 2.14 7.56 -3.11
CA HIS A 70 1.31 6.36 -3.13
C HIS A 70 -0.01 6.63 -3.83
N PRO A 71 -0.33 5.97 -4.95
CA PRO A 71 -1.50 6.38 -5.73
C PRO A 71 -2.79 6.28 -4.92
N ILE A 72 -3.59 7.33 -5.00
CA ILE A 72 -4.92 7.24 -4.44
C ILE A 72 -5.93 7.74 -5.46
N ARG A 73 -7.11 7.14 -5.43
CA ARG A 73 -8.15 7.39 -6.42
C ARG A 73 -9.13 8.39 -5.82
N VAL A 74 -9.20 9.57 -6.43
CA VAL A 74 -10.05 10.68 -5.97
C VAL A 74 -10.91 11.11 -7.15
N ASN A 75 -12.21 10.86 -7.08
CA ASN A 75 -13.14 11.26 -8.13
C ASN A 75 -12.72 10.67 -9.48
N GLY A 76 -12.45 9.36 -9.48
CA GLY A 76 -12.15 8.65 -10.71
C GLY A 76 -10.72 8.74 -11.20
N GLU A 77 -9.90 9.64 -10.68
CA GLU A 77 -8.55 9.82 -11.18
C GLU A 77 -7.53 9.48 -10.10
N TRP A 78 -6.39 8.96 -10.54
CA TRP A 78 -5.31 8.62 -9.62
C TRP A 78 -4.42 9.83 -9.37
N LYS A 79 -4.17 10.10 -8.10
CA LYS A 79 -3.41 11.27 -7.69
C LYS A 79 -2.33 10.90 -6.69
N TYR A 80 -1.28 11.76 -6.63
CA TYR A 80 -0.30 11.66 -5.57
C TYR A 80 -0.85 12.27 -4.29
N PRO A 81 -0.67 11.62 -3.14
CA PRO A 81 -1.10 12.23 -1.88
C PRO A 81 -0.55 13.61 -1.65
N LYS A 82 0.66 13.85 -2.13
CA LYS A 82 1.26 15.17 -2.00
C LYS A 82 0.39 16.24 -2.61
N GLU A 83 -0.37 15.89 -3.64
CA GLU A 83 -1.34 16.79 -4.25
C GLU A 83 -2.46 17.19 -3.30
N LEU A 84 -2.76 16.39 -2.27
CA LEU A 84 -3.98 16.58 -1.51
C LEU A 84 -3.82 16.86 -0.03
N GLY A 85 -2.62 16.74 0.52
CA GLY A 85 -2.42 16.91 1.94
C GLY A 85 -1.09 17.56 2.21
N GLN A 86 -0.89 17.87 3.48
CA GLN A 86 0.35 18.45 3.98
C GLN A 86 1.29 17.33 4.37
N THR A 87 2.57 17.55 4.16
CA THR A 87 3.57 16.59 4.58
C THR A 87 3.81 16.69 6.08
N VAL A 88 4.04 15.54 6.70
CA VAL A 88 4.40 15.43 8.11
C VAL A 88 5.46 14.34 8.22
N VAL A 89 6.17 14.32 9.33
CA VAL A 89 7.12 13.25 9.61
C VAL A 89 6.58 12.46 10.79
N LYS A 90 6.64 11.14 10.69
CA LYS A 90 6.18 10.27 11.76
C LYS A 90 7.22 9.20 12.03
N THR A 91 7.22 8.76 13.27
CA THR A 91 8.02 7.64 13.70
C THR A 91 7.39 6.37 13.16
N SER A 92 8.24 5.51 12.59
CA SER A 92 7.76 4.28 11.98
C SER A 92 8.85 3.25 12.13
N ASP A 93 8.51 2.08 12.65
CA ASP A 93 9.44 0.96 12.55
C ASP A 93 9.36 0.33 11.17
N TYR A 94 8.14 0.03 10.71
CA TYR A 94 7.90 -0.51 9.39
C TYR A 94 6.87 0.32 8.65
N ILE A 95 6.91 0.24 7.33
CA ILE A 95 5.80 0.77 6.54
C ILE A 95 5.24 -0.38 5.72
N TYR A 96 3.96 -0.25 5.38
CA TYR A 96 3.14 -1.37 5.00
C TYR A 96 2.56 -1.23 3.61
N GLN A 97 2.45 -2.37 2.94
CA GLN A 97 1.78 -2.51 1.65
C GLN A 97 1.00 -3.82 1.69
N PHE A 98 0.07 -3.98 0.75
CA PHE A 98 -0.81 -5.14 0.74
C PHE A 98 -0.96 -5.73 -0.64
N VAL A 99 -1.05 -7.06 -0.66
CA VAL A 99 -1.47 -7.81 -1.81
C VAL A 99 -2.89 -8.30 -1.55
N LEU A 100 -3.80 -7.96 -2.43
CA LEU A 100 -5.20 -8.35 -2.30
C LEU A 100 -5.52 -9.40 -3.36
N LYS A 101 -6.54 -10.21 -3.07
CA LYS A 101 -6.91 -11.27 -3.98
C LYS A 101 -7.53 -10.72 -5.25
N THR A 102 -8.24 -9.61 -5.14
CA THR A 102 -8.88 -9.01 -6.30
C THR A 102 -9.17 -7.55 -5.94
N GLY A 103 -9.58 -6.79 -6.95
CA GLY A 103 -9.90 -5.38 -6.76
C GLY A 103 -8.69 -4.47 -6.71
N HIS A 104 -7.78 -4.71 -5.75
CA HIS A 104 -6.45 -4.09 -5.68
C HIS A 104 -6.45 -2.63 -5.25
N THR A 105 -7.51 -2.18 -4.59
CA THR A 105 -7.51 -0.95 -3.83
C THR A 105 -8.23 -1.20 -2.51
N MET A 106 -7.93 -0.38 -1.52
CA MET A 106 -8.61 -0.54 -0.23
C MET A 106 -8.85 0.82 0.38
N ASN A 107 -9.93 0.90 1.14
CA ASN A 107 -10.30 2.13 1.83
C ASN A 107 -9.47 2.23 3.10
N ILE A 108 -8.59 3.22 3.17
CA ILE A 108 -7.83 3.49 4.38
C ILE A 108 -8.11 4.93 4.73
N GLY A 109 -8.63 5.14 5.95
CA GLY A 109 -8.89 6.49 6.42
C GLY A 109 -9.85 7.23 5.54
N GLY A 110 -10.65 6.51 4.77
CA GLY A 110 -11.60 7.12 3.86
C GLY A 110 -11.11 7.34 2.45
N TYR A 111 -9.85 7.05 2.16
CA TYR A 111 -9.27 7.28 0.85
C TYR A 111 -9.01 5.96 0.18
N GLU A 112 -9.15 5.93 -1.13
CA GLU A 112 -8.96 4.71 -1.89
C GLU A 112 -7.48 4.55 -2.26
N CYS A 113 -6.79 3.64 -1.58
CA CYS A 113 -5.36 3.43 -1.71
C CYS A 113 -5.05 2.21 -2.58
N ILE A 114 -4.18 2.39 -3.56
CA ILE A 114 -3.82 1.29 -4.44
C ILE A 114 -3.00 0.27 -3.70
N CYS A 115 -3.08 -0.99 -4.14
CA CYS A 115 -2.33 -2.09 -3.57
C CYS A 115 -1.43 -2.71 -4.65
N LEU A 116 -0.65 -3.70 -4.24
CA LEU A 116 0.32 -4.36 -5.10
C LEU A 116 -0.33 -5.32 -6.08
N GLY A 117 0.25 -5.40 -7.28
CA GLY A 117 -0.24 -6.34 -8.26
C GLY A 117 -1.51 -5.94 -8.97
N HIS A 118 -1.76 -4.64 -9.13
CA HIS A 118 -3.08 -4.13 -9.43
C HIS A 118 -3.47 -4.09 -10.92
N ASN A 119 -2.54 -4.19 -11.85
CA ASN A 119 -2.78 -4.16 -13.30
C ASN A 119 -3.40 -2.87 -13.85
N PHE A 120 -3.53 -1.80 -13.06
CA PHE A 120 -4.02 -0.54 -13.60
C PHE A 120 -2.98 0.09 -14.52
N GLN A 121 -3.43 0.67 -15.63
CA GLN A 121 -2.54 1.26 -16.63
C GLN A 121 -2.67 2.77 -16.75
N GLU A 122 -3.60 3.39 -16.05
CA GLU A 122 -3.71 4.84 -16.07
C GLU A 122 -2.48 5.50 -15.47
N ARG A 123 -2.33 6.79 -15.79
CA ARG A 123 -1.32 7.64 -15.19
C ARG A 123 -1.35 7.54 -13.68
N VAL A 124 -0.16 7.55 -13.06
CA VAL A 124 0.03 7.54 -11.60
C VAL A 124 -0.17 6.14 -11.03
N ALA A 125 -1.29 5.50 -11.35
CA ALA A 125 -1.48 4.13 -10.90
C ALA A 125 -0.45 3.21 -11.52
N TYR A 126 -0.11 3.45 -12.78
CA TYR A 126 0.71 2.49 -13.51
C TYR A 126 2.08 2.34 -12.86
N HIS A 127 2.53 1.11 -12.77
CA HIS A 127 3.87 0.81 -12.31
C HIS A 127 4.29 -0.52 -12.90
N PRO A 128 5.37 -0.54 -13.65
CA PRO A 128 5.74 -1.75 -14.39
C PRO A 128 6.15 -2.90 -13.50
N TYR A 129 6.62 -2.62 -12.30
CA TYR A 129 6.96 -3.67 -11.36
C TYR A 129 5.88 -3.89 -10.32
N LEU A 130 5.45 -2.82 -9.64
CA LEU A 130 4.52 -2.94 -8.54
C LEU A 130 3.09 -3.18 -9.01
N GLY A 131 2.78 -2.83 -10.26
CA GLY A 131 1.45 -3.01 -10.77
C GLY A 131 1.40 -4.12 -11.77
N SER A 132 2.17 -5.19 -11.55
CA SER A 132 2.20 -6.35 -12.40
C SER A 132 2.40 -7.57 -11.53
N GLN A 133 2.47 -8.74 -12.15
CA GLN A 133 2.70 -9.94 -11.36
C GLN A 133 4.17 -10.11 -11.02
N ALA A 134 5.04 -9.22 -11.52
CA ALA A 134 6.46 -9.36 -11.19
C ALA A 134 6.69 -9.26 -9.70
N VAL A 135 6.09 -8.26 -9.07
CA VAL A 135 6.28 -8.10 -7.63
C VAL A 135 5.69 -9.28 -6.88
N VAL A 136 4.56 -9.79 -7.34
CA VAL A 136 3.95 -10.93 -6.68
C VAL A 136 4.83 -12.15 -6.78
N GLU A 137 5.42 -12.41 -7.95
CA GLU A 137 6.26 -13.59 -8.07
C GLU A 137 7.49 -13.46 -7.18
N ASP A 138 8.06 -12.26 -7.11
CA ASP A 138 9.16 -12.06 -6.18
C ASP A 138 8.73 -12.34 -4.75
N LEU A 139 7.58 -11.78 -4.33
CA LEU A 139 7.11 -12.00 -2.97
C LEU A 139 6.87 -13.48 -2.72
N LYS A 140 6.34 -14.18 -3.73
CA LYS A 140 6.10 -15.61 -3.61
C LYS A 140 7.37 -16.39 -3.31
N GLN A 141 8.55 -15.87 -3.67
CA GLN A 141 9.79 -16.59 -3.37
C GLN A 141 10.32 -16.28 -1.98
N MET A 142 9.73 -15.32 -1.29
CA MET A 142 10.26 -14.80 -0.03
C MET A 142 9.71 -15.52 1.18
N LYS A 143 10.46 -15.42 2.26
CA LYS A 143 10.01 -15.95 3.54
C LYS A 143 8.86 -15.11 4.08
N GLY A 144 7.81 -15.81 4.54
CA GLY A 144 6.58 -15.19 4.98
C GLY A 144 5.42 -15.29 4.00
N TRP A 145 5.66 -15.68 2.74
CA TRP A 145 4.60 -15.57 1.77
C TRP A 145 3.41 -16.43 2.14
N LYS A 146 3.67 -17.68 2.55
CA LYS A 146 2.59 -18.60 2.83
C LYS A 146 1.80 -18.14 4.04
N GLU A 147 2.51 -17.69 5.09
CA GLU A 147 1.86 -17.09 6.25
C GLU A 147 1.19 -15.75 5.94
N GLY A 148 1.48 -15.14 4.80
CA GLY A 148 0.86 -13.88 4.46
C GLY A 148 1.50 -12.65 5.06
N LYS A 149 2.79 -12.73 5.43
CA LYS A 149 3.49 -11.58 6.00
C LYS A 149 4.95 -11.66 5.58
N VAL A 150 5.38 -10.74 4.74
CA VAL A 150 6.72 -10.74 4.17
C VAL A 150 7.40 -9.46 4.59
N ILE A 151 8.53 -9.56 5.27
CA ILE A 151 9.35 -8.40 5.56
C ILE A 151 10.42 -8.36 4.48
N ILE A 152 10.39 -7.33 3.64
CA ILE A 152 11.39 -7.19 2.61
C ILE A 152 12.56 -6.40 3.21
N ARG A 153 13.72 -6.60 2.62
CA ARG A 153 14.89 -5.91 3.11
C ARG A 153 15.02 -4.53 2.51
N SER A 154 14.77 -4.42 1.22
CA SER A 154 14.95 -3.15 0.55
C SER A 154 14.09 -3.11 -0.69
N ARG A 155 13.72 -1.89 -1.06
CA ARG A 155 13.10 -1.58 -2.33
C ARG A 155 14.22 -1.05 -3.22
N VAL A 156 14.71 -1.89 -4.11
CA VAL A 156 15.80 -1.52 -5.01
C VAL A 156 15.27 -0.64 -6.13
N ARG A 157 15.93 0.49 -6.38
CA ARG A 157 15.45 1.54 -7.27
C ARG A 157 16.43 1.82 -8.40
N ASP A 158 15.98 2.63 -9.36
CA ASP A 158 16.77 3.61 -10.12
C ASP A 158 16.81 3.40 -11.62
N GLN A 159 17.70 4.17 -12.26
CA GLN A 159 17.51 4.87 -13.54
C GLN A 159 16.29 4.52 -14.38
N ILE A 160 15.16 4.39 -13.68
CA ILE A 160 14.01 5.25 -13.89
C ILE A 160 14.01 6.04 -12.57
N THR A 161 14.75 7.14 -12.54
CA THR A 161 15.42 7.58 -11.32
C THR A 161 14.52 7.48 -10.09
N ASN A 162 15.02 6.76 -9.08
CA ASN A 162 14.34 6.48 -7.83
C ASN A 162 13.20 5.44 -7.98
N GLN A 163 12.96 4.87 -9.18
CA GLN A 163 11.81 3.99 -9.36
C GLN A 163 12.08 2.53 -8.94
N VAL A 164 11.16 1.97 -8.15
CA VAL A 164 11.37 0.62 -7.63
C VAL A 164 11.38 -0.37 -8.78
N LYS A 165 12.42 -1.21 -8.82
CA LYS A 165 12.58 -2.26 -9.81
C LYS A 165 12.54 -3.66 -9.21
N ALA A 166 12.84 -3.81 -7.92
CA ALA A 166 12.75 -5.11 -7.26
C ALA A 166 12.56 -4.91 -5.77
N PHE A 167 11.76 -5.78 -5.18
CA PHE A 167 11.81 -6.02 -3.75
C PHE A 167 12.81 -7.13 -3.55
N ILE A 168 13.69 -6.98 -2.56
CA ILE A 168 14.62 -8.05 -2.21
C ILE A 168 14.52 -8.36 -0.74
N GLN A 169 14.87 -9.60 -0.39
CA GLN A 169 14.84 -9.97 1.02
C GLN A 169 16.19 -10.56 1.46
#